data_8ROD
#
_entry.id   8ROD
#
_cell.length_a   66.112
_cell.length_b   113.841
_cell.length_c   134.472
_cell.angle_alpha   90.000
_cell.angle_beta   90.000
_cell.angle_gamma   90.000
#
_symmetry.space_group_name_H-M   'I 2 2 2'
#
loop_
_entity.id
_entity.type
_entity.pdbx_description
1 polymer 'Structural maintenance of chromosomes protein 1A'
2 polymer '64-kDa C-terminal product'
3 non-polymer 'SULFATE ION'
4 water water
#
loop_
_entity_poly.entity_id
_entity_poly.type
_entity_poly.pdbx_seq_one_letter_code
_entity_poly.pdbx_strand_id
1 'polypeptide(L)'
;MGFLKLIEIENFKSYKGRQIIGPFQRFTAIIGPNGSGKSNLMDAISFVLGEKTSNLRVKTLRDLIHGAPVGKPAANRAFV
SMVYSEEGAEDRTFARVIVGGSSEYKINNKVVQLHEYSEELEKLGILIKARNFLVFQGAVESIAMKNPKERTALFEEISR
SGELAQEYDKRKKEMGSGSLVPRGSGSAKQAFEQIKKERFDRFNACFESVATNIDEIYKALSRNSSAQAFLGPENPEEPY
LDGINYNCVAPGKRFRPMDNLSGGEKTVAALALLFAIHSYKPAPFFVLDQIDAALDNTNIGKVANYIKEQSTCNFQAIVI
SLKEEFYTKAESLIGVYPEQGDCVISKVLTFDLTKYPDANPNPNEQ
;
A
2 'polypeptide(L)'
;MKRTQQMLHGLQRALAKTGAESISLLELCRNTNRKQAAAKFYSFLVLKKQQAIELTQEEPYSDIIATPGPRFHGSLEVLF
Q
;
B
#
loop_
_chem_comp.id
_chem_comp.type
_chem_comp.name
_chem_comp.formula
SO4 non-polymer 'SULFATE ION' 'O4 S -2'
#
# COMPACT_ATOMS: atom_id res chain seq x y z
N GLY A 2 9.45 9.09 8.70
CA GLY A 2 9.94 9.58 7.43
C GLY A 2 8.92 9.40 6.32
N PHE A 3 9.39 9.44 5.07
CA PHE A 3 8.47 9.30 3.95
C PHE A 3 9.25 8.84 2.72
N LEU A 4 8.48 8.36 1.75
CA LEU A 4 9.00 7.88 0.48
C LEU A 4 9.17 9.07 -0.44
N LYS A 5 10.41 9.49 -0.69
CA LYS A 5 10.64 10.67 -1.51
C LYS A 5 10.46 10.36 -2.98
N LEU A 6 11.02 9.25 -3.44
CA LEU A 6 10.86 8.87 -4.82
C LEU A 6 11.22 7.41 -4.99
N ILE A 7 10.79 6.86 -6.12
CA ILE A 7 11.13 5.51 -6.56
CA ILE A 7 11.17 5.52 -6.54
C ILE A 7 11.94 5.64 -7.85
N GLU A 8 13.02 4.87 -7.96
CA GLU A 8 13.80 4.79 -9.17
C GLU A 8 13.66 3.37 -9.68
N ILE A 9 13.32 3.23 -10.95
CA ILE A 9 13.05 1.93 -11.54
CA ILE A 9 13.04 1.93 -11.56
C ILE A 9 13.90 1.80 -12.80
N GLU A 10 14.47 0.61 -13.01
CA GLU A 10 15.25 0.38 -14.23
C GLU A 10 14.90 -0.98 -14.82
N ASN A 11 14.25 -0.97 -15.99
CA ASN A 11 14.02 -2.18 -16.77
C ASN A 11 13.23 -3.22 -15.98
N PHE A 12 12.24 -2.76 -15.22
CA PHE A 12 11.39 -3.64 -14.42
C PHE A 12 10.02 -3.72 -15.08
N LYS A 13 9.63 -4.92 -15.51
CA LYS A 13 8.38 -5.17 -16.22
C LYS A 13 8.27 -4.15 -17.34
N SER A 14 7.19 -3.40 -17.45
CA SER A 14 7.02 -2.49 -18.58
C SER A 14 7.84 -1.20 -18.45
N TYR A 15 8.49 -0.96 -17.31
CA TYR A 15 9.22 0.29 -17.09
C TYR A 15 10.61 0.14 -17.69
N LYS A 16 10.67 0.30 -19.01
CA LYS A 16 11.91 0.20 -19.76
C LYS A 16 12.82 1.38 -19.43
N GLY A 17 14.12 1.12 -19.41
CA GLY A 17 15.09 2.16 -19.09
C GLY A 17 15.04 2.54 -17.60
N ARG A 18 15.76 3.61 -17.27
CA ARG A 18 15.81 4.12 -15.91
C ARG A 18 14.87 5.31 -15.77
N GLN A 19 13.98 5.24 -14.80
CA GLN A 19 12.92 6.24 -14.65
C GLN A 19 12.80 6.65 -13.19
N ILE A 20 12.63 7.95 -12.95
CA ILE A 20 12.25 8.46 -11.63
C ILE A 20 10.74 8.49 -11.54
N ILE A 21 10.20 7.88 -10.49
CA ILE A 21 8.77 7.88 -10.18
C ILE A 21 8.59 8.88 -9.04
N GLY A 22 7.91 9.97 -9.30
CA GLY A 22 7.81 11.02 -8.31
C GLY A 22 8.66 12.20 -8.71
N PRO A 23 9.12 13.00 -7.74
CA PRO A 23 8.97 12.82 -6.29
C PRO A 23 7.54 12.84 -5.82
N PHE A 24 7.30 12.18 -4.69
CA PHE A 24 5.98 12.09 -4.11
C PHE A 24 5.72 13.26 -3.18
N GLN A 25 4.48 13.66 -3.09
CA GLN A 25 4.03 14.59 -2.08
C GLN A 25 3.41 13.79 -0.94
N ARG A 26 2.79 14.46 0.03
CA ARG A 26 2.19 13.71 1.13
C ARG A 26 0.98 12.90 0.67
N PHE A 27 0.29 13.35 -0.38
CA PHE A 27 -0.87 12.65 -0.95
C PHE A 27 -0.68 12.72 -2.47
N THR A 28 -0.30 11.59 -3.08
CA THR A 28 -0.04 11.50 -4.51
C THR A 28 -0.91 10.41 -5.09
N ALA A 29 -1.48 10.66 -6.28
CA ALA A 29 -2.26 9.66 -6.98
C ALA A 29 -1.58 9.27 -8.28
N ILE A 30 -1.54 7.97 -8.52
CA ILE A 30 -1.06 7.38 -9.77
C ILE A 30 -2.28 7.09 -10.63
N ILE A 31 -2.29 7.62 -11.86
CA ILE A 31 -3.46 7.53 -12.73
C ILE A 31 -2.98 7.21 -14.14
N GLY A 32 -3.92 6.74 -14.97
CA GLY A 32 -3.60 6.52 -16.36
C GLY A 32 -4.60 5.59 -17.03
N PRO A 33 -4.64 5.62 -18.35
CA PRO A 33 -5.57 4.75 -19.07
C PRO A 33 -5.30 3.28 -18.84
N ASN A 34 -6.34 2.48 -19.06
CA ASN A 34 -6.19 1.04 -18.92
C ASN A 34 -5.06 0.52 -19.79
N GLY A 35 -4.28 -0.42 -19.24
CA GLY A 35 -3.17 -1.01 -19.95
C GLY A 35 -1.88 -0.20 -19.93
N SER A 36 -1.84 0.93 -19.23
CA SER A 36 -0.66 1.78 -19.30
C SER A 36 0.50 1.28 -18.46
N GLY A 37 0.24 0.45 -17.45
CA GLY A 37 1.29 -0.02 -16.58
C GLY A 37 1.14 0.33 -15.10
N LYS A 38 -0.06 0.74 -14.66
CA LYS A 38 -0.23 1.07 -13.24
C LYS A 38 0.00 -0.15 -12.35
N SER A 39 -0.57 -1.31 -12.73
CA SER A 39 -0.39 -2.49 -11.90
C SER A 39 1.07 -2.93 -11.86
N ASN A 40 1.83 -2.69 -12.93
CA ASN A 40 3.25 -3.02 -12.89
C ASN A 40 4.00 -2.12 -11.91
N LEU A 41 3.56 -0.87 -11.77
CA LEU A 41 4.18 0.03 -10.80
C LEU A 41 3.86 -0.42 -9.38
N MET A 42 2.63 -0.89 -9.15
CA MET A 42 2.32 -1.51 -7.86
C MET A 42 3.26 -2.68 -7.59
N ASP A 43 3.49 -3.53 -8.60
CA ASP A 43 4.42 -4.65 -8.45
C ASP A 43 5.83 -4.19 -8.12
N ALA A 44 6.27 -3.09 -8.71
CA ALA A 44 7.63 -2.60 -8.44
C ALA A 44 7.76 -2.17 -6.98
N ILE A 45 6.74 -1.50 -6.47
CA ILE A 45 6.77 -1.08 -5.06
C ILE A 45 6.79 -2.30 -4.16
N SER A 46 5.91 -3.27 -4.45
CA SER A 46 5.94 -4.51 -3.67
C SER A 46 7.31 -5.16 -3.71
N PHE A 47 7.92 -5.17 -4.90
CA PHE A 47 9.20 -5.84 -5.12
C PHE A 47 10.30 -5.22 -4.27
N VAL A 48 10.43 -3.89 -4.27
CA VAL A 48 11.49 -3.27 -3.50
C VAL A 48 11.23 -3.41 -2.01
N LEU A 49 9.96 -3.62 -1.62
CA LEU A 49 9.60 -3.84 -0.23
C LEU A 49 9.49 -5.31 0.11
N GLY A 50 10.20 -6.15 -0.65
CA GLY A 50 10.50 -7.52 -0.27
C GLY A 50 9.51 -8.57 -0.72
N GLU A 51 8.59 -8.26 -1.62
CA GLU A 51 7.60 -9.23 -2.03
C GLU A 51 8.25 -10.46 -2.67
N LYS A 52 7.70 -11.63 -2.39
CA LYS A 52 8.21 -12.85 -3.00
C LYS A 52 7.83 -12.90 -4.47
N THR A 53 8.72 -13.52 -5.26
CA THR A 53 8.53 -13.56 -6.71
C THR A 53 7.19 -14.19 -7.11
N SER A 54 6.69 -15.14 -6.30
CA SER A 54 5.44 -15.81 -6.64
C SER A 54 4.25 -14.86 -6.67
N ASN A 55 4.32 -13.76 -5.92
CA ASN A 55 3.22 -12.81 -5.87
C ASN A 55 3.37 -11.69 -6.90
N LEU A 56 4.35 -11.79 -7.80
CA LEU A 56 4.61 -10.78 -8.80
C LEU A 56 4.25 -11.23 -10.21
N ARG A 57 3.43 -12.28 -10.33
CA ARG A 57 2.85 -12.69 -11.62
C ARG A 57 3.91 -13.18 -12.59
N VAL A 58 4.97 -13.84 -12.10
CA VAL A 58 5.98 -14.44 -12.97
C VAL A 58 6.37 -15.79 -12.38
N LYS A 59 6.88 -16.66 -13.25
CA LYS A 59 7.37 -17.98 -12.87
C LYS A 59 8.82 -17.97 -12.40
N THR A 60 9.61 -16.97 -12.80
CA THR A 60 11.00 -16.87 -12.40
C THR A 60 11.39 -15.40 -12.32
N LEU A 61 12.37 -15.12 -11.48
CA LEU A 61 12.76 -13.73 -11.19
C LEU A 61 13.20 -13.00 -12.46
N ARG A 62 13.95 -13.68 -13.34
CA ARG A 62 14.45 -13.04 -14.55
C ARG A 62 13.32 -12.55 -15.47
N ASP A 63 12.11 -13.10 -15.30
CA ASP A 63 11.00 -12.65 -16.14
C ASP A 63 10.50 -11.27 -15.75
N LEU A 64 10.97 -10.72 -14.64
CA LEU A 64 10.66 -9.34 -14.27
C LEU A 64 11.49 -8.32 -15.05
N ILE A 65 12.53 -8.74 -15.76
CA ILE A 65 13.33 -7.80 -16.53
C ILE A 65 12.56 -7.47 -17.79
N HIS A 66 12.49 -6.16 -18.12
CA HIS A 66 11.76 -5.72 -19.30
C HIS A 66 12.12 -6.52 -20.55
N GLY A 67 11.10 -6.98 -21.27
CA GLY A 67 11.27 -7.75 -22.48
C GLY A 67 11.40 -9.25 -22.28
N ALA A 68 11.67 -9.71 -21.06
CA ALA A 68 11.85 -11.14 -20.84
C ALA A 68 10.62 -11.97 -21.21
N PRO A 69 9.37 -11.55 -20.94
CA PRO A 69 8.22 -12.39 -21.30
C PRO A 69 8.00 -12.56 -22.80
N VAL A 70 8.88 -12.04 -23.65
CA VAL A 70 8.80 -12.31 -25.08
C VAL A 70 10.18 -12.66 -25.62
N GLY A 71 10.99 -13.33 -24.79
CA GLY A 71 12.28 -13.81 -25.21
C GLY A 71 13.29 -12.75 -25.54
N LYS A 72 12.97 -11.46 -25.37
CA LYS A 72 13.85 -10.36 -25.69
C LYS A 72 14.09 -9.49 -24.45
N PRO A 73 14.84 -10.00 -23.47
CA PRO A 73 15.15 -9.17 -22.30
C PRO A 73 16.01 -7.99 -22.69
N ALA A 74 15.71 -6.83 -22.11
CA ALA A 74 16.40 -5.60 -22.47
C ALA A 74 17.73 -5.42 -21.77
N ALA A 75 18.08 -6.30 -20.82
CA ALA A 75 19.30 -6.16 -20.04
C ALA A 75 19.48 -7.45 -19.25
N ASN A 76 20.66 -7.58 -18.65
CA ASN A 76 20.92 -8.71 -17.75
C ASN A 76 20.67 -8.32 -16.31
N ARG A 77 20.11 -7.15 -16.09
CA ARG A 77 19.81 -6.72 -14.74
C ARG A 77 18.65 -5.73 -14.78
N ALA A 78 18.03 -5.56 -13.62
CA ALA A 78 16.97 -4.58 -13.44
C ALA A 78 16.98 -4.22 -11.97
N PHE A 79 16.37 -3.09 -11.62
CA PHE A 79 16.27 -2.80 -10.20
C PHE A 79 15.07 -1.91 -9.91
N VAL A 80 14.66 -1.91 -8.66
CA VAL A 80 13.77 -0.91 -8.11
C VAL A 80 14.41 -0.38 -6.84
N SER A 81 14.34 0.94 -6.67
CA SER A 81 14.95 1.53 -5.49
CA SER A 81 14.98 1.59 -5.54
C SER A 81 14.01 2.56 -4.90
N MET A 82 14.02 2.62 -3.57
CA MET A 82 13.23 3.57 -2.81
CA MET A 82 13.22 3.56 -2.79
C MET A 82 14.16 4.52 -2.08
N VAL A 83 13.92 5.82 -2.23
CA VAL A 83 14.65 6.83 -1.47
C VAL A 83 13.78 7.23 -0.28
N TYR A 84 14.24 6.88 0.93
CA TYR A 84 13.50 7.16 2.16
C TYR A 84 14.10 8.39 2.83
N SER A 85 13.24 9.34 3.18
CA SER A 85 13.68 10.61 3.73
CA SER A 85 13.68 10.62 3.73
C SER A 85 13.12 10.81 5.14
N GLU A 86 13.94 11.40 6.00
CA GLU A 86 13.54 11.70 7.36
C GLU A 86 14.16 13.03 7.77
N GLU A 87 13.37 13.85 8.46
CA GLU A 87 13.86 15.16 8.91
C GLU A 87 15.11 14.98 9.78
N GLY A 88 16.12 15.78 9.50
CA GLY A 88 17.38 15.72 10.23
C GLY A 88 18.30 14.60 9.81
N ALA A 89 17.93 13.81 8.80
CA ALA A 89 18.74 12.67 8.36
C ALA A 89 18.98 12.75 6.87
N GLU A 90 20.11 12.21 6.45
CA GLU A 90 20.39 12.05 5.03
C GLU A 90 19.44 11.02 4.42
N ASP A 91 19.18 11.16 3.11
CA ASP A 91 18.35 10.19 2.43
C ASP A 91 18.99 8.81 2.49
N ARG A 92 18.16 7.78 2.65
CA ARG A 92 18.61 6.40 2.68
C ARG A 92 17.95 5.68 1.51
N THR A 93 18.76 5.02 0.69
CA THR A 93 18.26 4.34 -0.50
C THR A 93 18.20 2.83 -0.27
N PHE A 94 17.02 2.25 -0.43
CA PHE A 94 16.81 0.81 -0.33
C PHE A 94 16.57 0.28 -1.74
N ALA A 95 17.38 -0.67 -2.17
CA ALA A 95 17.29 -1.16 -3.54
C ALA A 95 17.28 -2.67 -3.58
N ARG A 96 16.54 -3.20 -4.54
CA ARG A 96 16.53 -4.62 -4.86
C ARG A 96 16.91 -4.74 -6.32
N VAL A 97 18.00 -5.46 -6.60
CA VAL A 97 18.56 -5.56 -7.94
C VAL A 97 18.47 -7.01 -8.39
N ILE A 98 18.09 -7.21 -9.64
CA ILE A 98 18.08 -8.55 -10.24
C ILE A 98 19.40 -8.70 -10.97
N VAL A 99 20.25 -9.60 -10.45
CA VAL A 99 21.54 -9.93 -11.05
C VAL A 99 21.67 -11.45 -11.03
N GLY A 100 22.12 -12.01 -12.15
CA GLY A 100 22.29 -13.46 -12.21
C GLY A 100 21.03 -14.22 -11.92
N GLY A 101 19.87 -13.66 -12.21
CA GLY A 101 18.64 -14.35 -11.91
C GLY A 101 18.31 -14.49 -10.44
N SER A 102 18.96 -13.73 -9.55
CA SER A 102 18.64 -13.71 -8.12
CA SER A 102 18.55 -13.70 -8.15
C SER A 102 18.65 -12.28 -7.61
N SER A 103 18.00 -12.07 -6.46
CA SER A 103 17.90 -10.75 -5.87
C SER A 103 19.17 -10.38 -5.09
N GLU A 104 19.61 -9.15 -5.27
CA GLU A 104 20.65 -8.52 -4.46
C GLU A 104 20.03 -7.30 -3.77
N TYR A 105 20.16 -7.22 -2.45
CA TYR A 105 19.60 -6.13 -1.67
C TYR A 105 20.70 -5.14 -1.28
N LYS A 106 20.37 -3.85 -1.33
CA LYS A 106 21.35 -2.81 -1.03
C LYS A 106 20.71 -1.71 -0.19
N ILE A 107 21.48 -1.18 0.75
CA ILE A 107 21.11 0.03 1.49
C ILE A 107 22.26 1.01 1.30
N ASN A 108 21.95 2.19 0.76
CA ASN A 108 22.95 3.17 0.34
C ASN A 108 24.08 2.52 -0.45
N ASN A 109 23.68 1.71 -1.44
CA ASN A 109 24.60 1.07 -2.39
C ASN A 109 25.57 0.09 -1.72
N LYS A 110 25.34 -0.28 -0.47
CA LYS A 110 26.09 -1.35 0.19
C LYS A 110 25.23 -2.60 0.22
N VAL A 111 25.81 -3.74 -0.17
CA VAL A 111 25.05 -4.97 -0.31
C VAL A 111 24.76 -5.55 1.07
N VAL A 112 23.50 -5.92 1.30
CA VAL A 112 23.07 -6.53 2.55
C VAL A 112 22.29 -7.79 2.24
N GLN A 113 22.19 -8.66 3.24
CA GLN A 113 21.36 -9.83 3.05
C GLN A 113 19.91 -9.48 3.34
N LEU A 114 19.01 -10.35 2.87
CA LEU A 114 17.59 -10.11 3.03
C LEU A 114 17.22 -9.90 4.49
N HIS A 115 17.85 -10.66 5.41
CA HIS A 115 17.54 -10.51 6.82
CA HIS A 115 17.53 -10.51 6.82
C HIS A 115 17.82 -9.10 7.31
N GLU A 116 18.96 -8.53 6.92
CA GLU A 116 19.28 -7.17 7.35
C GLU A 116 18.40 -6.14 6.67
N TYR A 117 18.15 -6.32 5.37
CA TYR A 117 17.22 -5.46 4.65
C TYR A 117 15.86 -5.39 5.35
N SER A 118 15.31 -6.57 5.69
CA SER A 118 14.03 -6.62 6.37
CA SER A 118 14.03 -6.61 6.37
C SER A 118 14.10 -5.97 7.74
N GLU A 119 15.19 -6.21 8.47
CA GLU A 119 15.33 -5.63 9.80
C GLU A 119 15.38 -4.10 9.73
N GLU A 120 16.11 -3.55 8.76
CA GLU A 120 16.21 -2.10 8.65
C GLU A 120 14.87 -1.48 8.25
N LEU A 121 14.13 -2.14 7.36
CA LEU A 121 12.80 -1.65 7.02
C LEU A 121 11.89 -1.66 8.24
N GLU A 122 12.02 -2.69 9.09
CA GLU A 122 11.16 -2.77 10.26
C GLU A 122 11.37 -1.60 11.20
N LYS A 123 12.61 -1.14 11.35
CA LYS A 123 12.87 0.01 12.20
C LYS A 123 12.17 1.26 11.72
N LEU A 124 11.81 1.33 10.43
CA LEU A 124 11.10 2.48 9.89
C LEU A 124 9.58 2.33 9.98
N GLY A 125 9.09 1.19 10.44
CA GLY A 125 7.68 0.90 10.43
C GLY A 125 7.19 0.16 9.21
N ILE A 126 8.10 -0.34 8.38
CA ILE A 126 7.74 -1.10 7.18
C ILE A 126 7.94 -2.57 7.50
N LEU A 127 6.84 -3.31 7.63
CA LEU A 127 6.87 -4.71 8.04
C LEU A 127 6.66 -5.56 6.80
N ILE A 128 7.73 -6.19 6.30
CA ILE A 128 7.56 -6.86 5.01
C ILE A 128 6.90 -8.22 5.16
N LYS A 129 6.70 -8.72 6.38
CA LYS A 129 5.86 -9.88 6.57
C LYS A 129 4.39 -9.51 6.79
N ALA A 130 4.12 -8.60 7.71
CA ALA A 130 2.73 -8.19 7.94
C ALA A 130 2.16 -7.45 6.74
N ARG A 131 2.99 -6.63 6.08
CA ARG A 131 2.58 -5.91 4.88
C ARG A 131 1.29 -5.13 5.10
N ASN A 132 1.18 -4.52 6.27
CA ASN A 132 -0.01 -3.76 6.63
C ASN A 132 -0.05 -2.38 5.99
N PHE A 133 0.97 -2.02 5.20
CA PHE A 133 1.07 -0.72 4.55
C PHE A 133 0.63 -0.74 3.09
N LEU A 134 0.20 -1.88 2.58
CA LEU A 134 -0.04 -2.06 1.15
C LEU A 134 -1.39 -2.75 0.96
N VAL A 135 -2.27 -2.13 0.20
CA VAL A 135 -3.57 -2.71 -0.11
C VAL A 135 -3.70 -2.87 -1.61
N PHE A 136 -3.81 -4.11 -2.08
CA PHE A 136 -3.88 -4.39 -3.51
C PHE A 136 -5.28 -4.16 -4.06
N GLN A 137 -5.35 -4.04 -5.39
CA GLN A 137 -6.62 -3.93 -6.09
C GLN A 137 -7.49 -5.14 -5.80
N GLY A 138 -8.77 -4.89 -5.54
CA GLY A 138 -9.72 -5.94 -5.27
C GLY A 138 -9.64 -6.54 -3.88
N ALA A 139 -8.80 -6.00 -2.99
CA ALA A 139 -8.55 -6.61 -1.70
C ALA A 139 -9.05 -5.83 -0.49
N VAL A 140 -9.41 -4.55 -0.66
CA VAL A 140 -9.69 -3.74 0.53
C VAL A 140 -10.87 -4.30 1.30
N GLU A 141 -11.92 -4.76 0.60
CA GLU A 141 -13.10 -5.26 1.31
C GLU A 141 -12.76 -6.50 2.13
N SER A 142 -11.92 -7.39 1.59
CA SER A 142 -11.61 -8.63 2.30
C SER A 142 -11.02 -8.36 3.68
N ILE A 143 -10.37 -7.19 3.87
CA ILE A 143 -9.81 -6.86 5.18
C ILE A 143 -10.90 -6.78 6.24
N ALA A 144 -12.04 -6.17 5.89
CA ALA A 144 -13.15 -6.06 6.84
C ALA A 144 -13.95 -7.35 6.96
N MET A 145 -13.91 -8.21 5.94
CA MET A 145 -14.73 -9.41 5.88
C MET A 145 -13.91 -10.69 6.05
N LYS A 146 -12.64 -10.58 6.44
CA LYS A 146 -11.81 -11.75 6.63
C LYS A 146 -12.37 -12.65 7.73
N ASN A 147 -11.97 -13.90 7.66
CA ASN A 147 -12.16 -14.86 8.74
C ASN A 147 -11.65 -14.28 10.05
N PRO A 148 -12.44 -14.36 11.13
CA PRO A 148 -11.93 -13.96 12.46
C PRO A 148 -10.59 -14.59 12.82
N LYS A 149 -10.38 -15.86 12.47
CA LYS A 149 -9.11 -16.53 12.78
C LYS A 149 -7.95 -15.92 12.00
N GLU A 150 -8.19 -15.52 10.74
CA GLU A 150 -7.13 -14.91 9.98
C GLU A 150 -6.82 -13.51 10.49
N ARG A 151 -7.81 -12.83 11.07
CA ARG A 151 -7.51 -11.56 11.71
C ARG A 151 -6.58 -11.76 12.90
N THR A 152 -6.80 -12.82 13.68
CA THR A 152 -5.89 -13.11 14.79
C THR A 152 -4.47 -13.29 14.30
N ALA A 153 -4.28 -13.96 13.15
CA ALA A 153 -2.92 -14.22 12.68
C ALA A 153 -2.19 -12.91 12.36
N LEU A 154 -2.91 -11.93 11.81
CA LEU A 154 -2.33 -10.63 11.56
C LEU A 154 -1.83 -10.01 12.85
N PHE A 155 -2.64 -10.07 13.91
CA PHE A 155 -2.22 -9.49 15.18
C PHE A 155 -1.07 -10.28 15.82
N GLU A 156 -1.03 -11.60 15.65
CA GLU A 156 0.10 -12.37 16.16
C GLU A 156 1.39 -12.03 15.42
N GLU A 157 1.30 -11.69 14.13
CA GLU A 157 2.49 -11.32 13.38
C GLU A 157 2.98 -9.93 13.79
N ILE A 158 2.08 -8.95 13.86
CA ILE A 158 2.49 -7.58 14.18
C ILE A 158 2.96 -7.48 15.63
N SER A 159 2.27 -8.14 16.55
CA SER A 159 2.62 -8.08 17.97
C SER A 159 3.83 -8.94 18.33
N ARG A 160 4.20 -9.88 17.46
CA ARG A 160 5.25 -10.87 17.69
C ARG A 160 4.83 -11.92 18.71
N SER A 161 3.56 -11.94 19.13
CA SER A 161 3.10 -13.03 20.00
C SER A 161 3.20 -14.37 19.28
N GLY A 162 3.09 -14.36 17.95
CA GLY A 162 3.20 -15.58 17.18
C GLY A 162 4.55 -16.26 17.30
N GLU A 163 5.59 -15.51 17.68
CA GLU A 163 6.90 -16.11 17.90
C GLU A 163 6.90 -17.07 19.08
N LEU A 164 5.89 -16.98 19.95
CA LEU A 164 5.80 -17.82 21.14
C LEU A 164 4.87 -19.01 20.95
N ALA A 165 4.21 -19.14 19.80
CA ALA A 165 3.18 -20.16 19.65
C ALA A 165 3.76 -21.56 19.69
N GLN A 166 4.97 -21.74 19.14
CA GLN A 166 5.56 -23.08 19.12
C GLN A 166 5.90 -23.56 20.53
N GLU A 167 6.49 -22.69 21.35
CA GLU A 167 6.76 -23.04 22.74
C GLU A 167 5.45 -23.19 23.53
N TYR A 168 4.46 -22.35 23.24
CA TYR A 168 3.15 -22.50 23.86
C TYR A 168 2.57 -23.88 23.58
N ASP A 169 2.57 -24.28 22.31
CA ASP A 169 2.00 -25.57 21.93
C ASP A 169 2.73 -26.72 22.62
N LYS A 170 4.06 -26.64 22.69
CA LYS A 170 4.84 -27.70 23.31
C LYS A 170 4.53 -27.83 24.79
N ARG A 171 4.53 -26.70 25.52
CA ARG A 171 4.23 -26.74 26.95
CA ARG A 171 4.24 -26.76 26.95
C ARG A 171 2.80 -27.16 27.23
N LYS A 172 1.86 -26.81 26.33
CA LYS A 172 0.47 -27.21 26.55
C LYS A 172 0.33 -28.73 26.51
N LYS A 173 0.97 -29.37 25.53
CA LYS A 173 0.95 -30.83 25.46
C LYS A 173 1.70 -31.46 26.63
N GLU A 174 2.85 -30.89 27.00
CA GLU A 174 3.61 -31.46 28.12
C GLU A 174 2.82 -31.39 29.43
N MET A 175 1.90 -30.44 29.52
CA MET A 175 1.04 -30.31 30.69
C MET A 175 -0.13 -31.28 30.68
N GLY A 176 -0.36 -32.00 29.59
CA GLY A 176 -1.44 -32.98 29.53
C GLY A 176 -2.52 -32.69 28.53
N SER A 177 -2.47 -31.58 27.80
CA SER A 177 -3.43 -31.38 26.72
CA SER A 177 -3.43 -31.39 26.72
C SER A 177 -3.29 -32.52 25.71
N GLY A 178 -4.40 -33.08 25.30
CA GLY A 178 -4.40 -34.25 24.45
C GLY A 178 -4.63 -35.55 25.19
N SER A 179 -4.62 -35.52 26.51
CA SER A 179 -5.01 -36.71 27.26
C SER A 179 -6.50 -36.65 27.56
N LEU A 180 -7.08 -37.83 27.80
CA LEU A 180 -8.52 -37.93 28.03
C LEU A 180 -8.94 -37.06 29.22
N VAL A 181 -8.23 -37.19 30.34
CA VAL A 181 -8.38 -36.32 31.49
C VAL A 181 -7.04 -35.65 31.75
N PRO A 182 -6.84 -34.43 31.27
CA PRO A 182 -5.57 -33.74 31.52
C PRO A 182 -5.36 -33.56 33.00
N ARG A 183 -4.17 -33.96 33.46
CA ARG A 183 -3.76 -33.81 34.85
C ARG A 183 -2.50 -32.96 34.85
N GLY A 184 -2.69 -31.66 34.91
CA GLY A 184 -1.59 -30.72 35.00
C GLY A 184 -1.37 -30.30 36.45
N SER A 185 -0.11 -30.29 36.86
CA SER A 185 0.24 -29.95 38.23
C SER A 185 1.72 -29.61 38.29
N GLY A 186 2.06 -28.73 39.23
CA GLY A 186 3.47 -28.48 39.49
C GLY A 186 4.12 -27.73 38.35
N SER A 187 5.31 -28.20 37.96
CA SER A 187 6.18 -27.40 37.11
C SER A 187 5.70 -27.39 35.65
N ALA A 188 5.14 -28.50 35.16
CA ALA A 188 4.66 -28.51 33.78
C ALA A 188 3.47 -27.57 33.61
N LYS A 189 2.57 -27.53 34.59
CA LYS A 189 1.45 -26.61 34.51
C LYS A 189 1.92 -25.16 34.63
N GLN A 190 2.83 -24.89 35.57
CA GLN A 190 3.34 -23.54 35.71
C GLN A 190 4.10 -23.11 34.46
N ALA A 191 4.84 -24.04 33.83
CA ALA A 191 5.54 -23.69 32.61
C ALA A 191 4.57 -23.26 31.52
N PHE A 192 3.44 -23.94 31.42
CA PHE A 192 2.45 -23.55 30.42
C PHE A 192 1.82 -22.20 30.76
N GLU A 193 1.41 -22.02 32.01
CA GLU A 193 0.82 -20.74 32.43
C GLU A 193 1.78 -19.58 32.17
N GLN A 194 3.08 -19.82 32.31
CA GLN A 194 4.04 -18.74 32.13
C GLN A 194 4.18 -18.36 30.66
N ILE A 195 4.22 -19.33 29.75
CA ILE A 195 4.31 -18.99 28.33
C ILE A 195 2.98 -18.46 27.82
N LYS A 196 1.87 -18.97 28.37
CA LYS A 196 0.55 -18.41 28.08
C LYS A 196 0.51 -16.94 28.43
N LYS A 197 1.02 -16.58 29.61
CA LYS A 197 1.06 -15.18 30.02
C LYS A 197 1.94 -14.35 29.09
N GLU A 198 3.11 -14.87 28.70
CA GLU A 198 3.99 -14.11 27.80
CA GLU A 198 3.97 -14.09 27.82
C GLU A 198 3.31 -13.85 26.46
N ARG A 199 2.63 -14.86 25.93
CA ARG A 199 1.95 -14.70 24.65
C ARG A 199 0.76 -13.75 24.77
N PHE A 200 -0.01 -13.89 25.85
CA PHE A 200 -1.11 -12.98 26.14
C PHE A 200 -0.64 -11.54 26.23
N ASP A 201 0.42 -11.29 27.02
CA ASP A 201 0.93 -9.92 27.16
C ASP A 201 1.41 -9.34 25.83
N ARG A 202 2.16 -10.11 25.04
CA ARG A 202 2.61 -9.59 23.75
C ARG A 202 1.43 -9.28 22.84
N PHE A 203 0.45 -10.20 22.78
CA PHE A 203 -0.69 -10.01 21.89
C PHE A 203 -1.48 -8.78 22.29
N ASN A 204 -1.76 -8.65 23.58
CA ASN A 204 -2.62 -7.55 24.00
CA ASN A 204 -2.60 -7.56 24.09
C ASN A 204 -1.92 -6.20 23.98
N ALA A 205 -0.60 -6.16 24.08
CA ALA A 205 0.08 -4.87 23.96
C ALA A 205 -0.28 -4.20 22.64
N CYS A 206 -0.41 -5.02 21.60
CA CYS A 206 -0.81 -4.53 20.28
C CYS A 206 -2.32 -4.43 20.18
N PHE A 207 -3.02 -5.54 20.45
CA PHE A 207 -4.45 -5.61 20.17
C PHE A 207 -5.25 -4.57 20.97
N GLU A 208 -4.96 -4.43 22.26
CA GLU A 208 -5.76 -3.50 23.07
C GLU A 208 -5.60 -2.07 22.56
N SER A 209 -4.40 -1.71 22.12
CA SER A 209 -4.18 -0.38 21.54
CA SER A 209 -4.19 -0.38 21.54
C SER A 209 -5.03 -0.19 20.29
N VAL A 210 -4.99 -1.16 19.37
CA VAL A 210 -5.77 -1.05 18.14
C VAL A 210 -7.26 -1.05 18.45
N ALA A 211 -7.71 -1.92 19.36
CA ALA A 211 -9.15 -2.00 19.62
C ALA A 211 -9.68 -0.76 20.32
N THR A 212 -8.84 -0.07 21.09
CA THR A 212 -9.32 1.13 21.79
C THR A 212 -9.18 2.38 20.93
N ASN A 213 -8.46 2.32 19.81
CA ASN A 213 -8.38 3.45 18.89
C ASN A 213 -9.28 3.31 17.68
N ILE A 214 -9.82 2.12 17.41
CA ILE A 214 -10.49 1.94 16.12
C ILE A 214 -11.81 2.71 16.05
N ASP A 215 -12.53 2.85 17.17
CA ASP A 215 -13.83 3.49 17.11
C ASP A 215 -13.72 4.94 16.67
N GLU A 216 -12.80 5.70 17.29
CA GLU A 216 -12.59 7.08 16.90
C GLU A 216 -12.20 7.19 15.43
N ILE A 217 -11.37 6.27 14.95
CA ILE A 217 -10.92 6.34 13.56
C ILE A 217 -12.08 6.05 12.61
N TYR A 218 -12.88 5.04 12.92
CA TYR A 218 -14.07 4.76 12.12
C TYR A 218 -15.04 5.95 12.14
N LYS A 219 -15.21 6.58 13.30
CA LYS A 219 -15.95 7.83 13.39
C LYS A 219 -15.28 8.93 12.56
N ALA A 220 -13.96 9.11 12.75
CA ALA A 220 -13.25 10.17 12.05
C ALA A 220 -13.28 9.95 10.55
N LEU A 221 -13.15 8.70 10.11
CA LEU A 221 -13.40 8.39 8.71
C LEU A 221 -14.83 8.75 8.33
N SER A 222 -15.81 8.20 9.06
CA SER A 222 -17.22 8.43 8.79
C SER A 222 -17.62 9.89 9.03
N ARG A 223 -16.79 10.63 9.77
CA ARG A 223 -17.09 12.02 10.09
C ARG A 223 -18.45 12.15 10.79
N ASN A 224 -18.74 11.21 11.69
CA ASN A 224 -20.09 11.04 12.22
C ASN A 224 -19.97 10.28 13.54
N SER A 225 -20.53 10.85 14.61
CA SER A 225 -20.46 10.22 15.93
C SER A 225 -21.42 9.05 16.09
N SER A 226 -22.35 8.83 15.15
CA SER A 226 -23.25 7.69 15.25
CA SER A 226 -23.27 7.70 15.21
C SER A 226 -22.62 6.40 14.75
N ALA A 227 -21.55 6.49 13.97
CA ALA A 227 -20.84 5.28 13.56
C ALA A 227 -20.14 4.70 14.78
N GLN A 228 -20.07 3.36 14.83
CA GLN A 228 -19.37 2.68 15.91
C GLN A 228 -18.62 1.48 15.35
N ALA A 229 -17.43 1.22 15.91
CA ALA A 229 -16.62 0.08 15.52
C ALA A 229 -16.15 -0.67 16.75
N PHE A 230 -16.31 -1.98 16.74
CA PHE A 230 -15.95 -2.85 17.87
C PHE A 230 -15.01 -3.94 17.40
N LEU A 231 -13.87 -4.07 18.08
CA LEU A 231 -12.96 -5.19 17.90
C LEU A 231 -12.92 -5.99 19.18
N GLY A 232 -13.19 -7.29 19.10
CA GLY A 232 -13.21 -8.10 20.29
C GLY A 232 -12.76 -9.53 20.04
N PRO A 233 -12.07 -10.12 21.01
CA PRO A 233 -11.68 -11.53 20.88
C PRO A 233 -12.82 -12.47 21.19
N GLU A 234 -12.92 -13.53 20.39
CA GLU A 234 -13.85 -14.61 20.71
C GLU A 234 -13.48 -15.29 22.01
N ASN A 235 -12.18 -15.34 22.32
CA ASN A 235 -11.66 -15.98 23.53
C ASN A 235 -10.97 -14.91 24.35
N PRO A 236 -11.65 -14.27 25.29
CA PRO A 236 -11.00 -13.18 26.06
C PRO A 236 -9.81 -13.64 26.90
N GLU A 237 -9.83 -14.85 27.43
CA GLU A 237 -8.71 -15.30 28.26
C GLU A 237 -7.47 -15.60 27.44
N GLU A 238 -7.65 -16.12 26.22
CA GLU A 238 -6.55 -16.45 25.33
C GLU A 238 -6.90 -15.91 23.94
N PRO A 239 -6.78 -14.60 23.74
CA PRO A 239 -7.26 -13.99 22.49
C PRO A 239 -6.60 -14.56 21.25
N TYR A 240 -5.33 -14.93 21.34
CA TYR A 240 -4.55 -15.48 20.23
C TYR A 240 -5.00 -16.87 19.79
N LEU A 241 -5.86 -17.54 20.57
CA LEU A 241 -6.25 -18.92 20.25
C LEU A 241 -7.45 -19.01 19.32
N ASP A 242 -8.29 -17.98 19.27
CA ASP A 242 -9.50 -18.03 18.47
C ASP A 242 -9.56 -16.76 17.62
N GLY A 243 -10.76 -16.42 17.15
CA GLY A 243 -10.90 -15.34 16.20
C GLY A 243 -11.00 -13.96 16.85
N ILE A 244 -10.75 -12.94 16.04
CA ILE A 244 -10.97 -11.56 16.43
C ILE A 244 -12.20 -11.07 15.68
N ASN A 245 -13.29 -10.82 16.41
CA ASN A 245 -14.52 -10.30 15.83
C ASN A 245 -14.38 -8.81 15.52
N TYR A 246 -14.95 -8.40 14.38
CA TYR A 246 -14.96 -7.01 13.94
C TYR A 246 -16.39 -6.69 13.53
N ASN A 247 -17.05 -5.79 14.25
CA ASN A 247 -18.40 -5.40 13.94
C ASN A 247 -18.50 -3.89 13.97
N CYS A 248 -19.28 -3.33 13.05
CA CYS A 248 -19.44 -1.89 12.94
CA CYS A 248 -19.45 -1.90 12.98
C CYS A 248 -20.92 -1.54 12.84
N VAL A 249 -21.21 -0.28 13.16
CA VAL A 249 -22.50 0.34 12.91
C VAL A 249 -22.21 1.53 12.02
N ALA A 250 -22.75 1.49 10.80
CA ALA A 250 -22.48 2.52 9.81
C ALA A 250 -23.05 3.87 10.25
N PRO A 251 -22.45 4.98 9.81
CA PRO A 251 -22.89 6.29 10.29
C PRO A 251 -24.33 6.59 9.90
N GLY A 252 -25.14 6.96 10.90
CA GLY A 252 -26.54 7.26 10.66
C GLY A 252 -27.37 6.08 10.21
N LYS A 253 -26.92 4.85 10.49
CA LYS A 253 -27.63 3.65 10.07
C LYS A 253 -27.89 2.75 11.27
N ARG A 254 -28.91 1.91 11.14
CA ARG A 254 -29.14 0.85 12.09
C ARG A 254 -28.13 -0.27 11.88
N PHE A 255 -27.97 -1.10 12.90
CA PHE A 255 -26.98 -2.16 12.84
C PHE A 255 -27.38 -3.23 11.83
N ARG A 256 -26.45 -3.58 10.96
CA ARG A 256 -26.48 -4.72 10.07
C ARG A 256 -25.32 -5.65 10.40
N PRO A 257 -25.44 -6.97 10.13
CA PRO A 257 -24.38 -7.92 10.54
C PRO A 257 -22.97 -7.49 10.15
N MET A 258 -22.56 -7.72 8.90
CA MET A 258 -21.30 -7.23 8.37
C MET A 258 -21.20 -7.53 6.89
N ASP A 259 -21.52 -8.77 6.52
CA ASP A 259 -21.58 -9.14 5.11
C ASP A 259 -22.71 -8.42 4.38
N ASN A 260 -23.73 -7.98 5.11
CA ASN A 260 -24.82 -7.21 4.52
C ASN A 260 -24.44 -5.77 4.24
N LEU A 261 -23.24 -5.34 4.59
CA LEU A 261 -22.81 -4.00 4.23
C LEU A 261 -22.55 -3.92 2.73
N SER A 262 -22.67 -2.70 2.19
CA SER A 262 -22.29 -2.47 0.81
C SER A 262 -20.78 -2.63 0.66
N GLY A 263 -20.33 -2.72 -0.60
CA GLY A 263 -18.90 -2.69 -0.85
C GLY A 263 -18.25 -1.43 -0.30
N GLY A 264 -18.93 -0.29 -0.44
CA GLY A 264 -18.38 0.95 0.09
C GLY A 264 -18.28 0.95 1.59
N GLU A 265 -19.32 0.46 2.27
CA GLU A 265 -19.29 0.43 3.73
C GLU A 265 -18.22 -0.54 4.24
N LYS A 266 -18.08 -1.69 3.59
CA LYS A 266 -17.00 -2.60 3.94
C LYS A 266 -15.64 -1.96 3.74
N THR A 267 -15.51 -1.20 2.65
CA THR A 267 -14.26 -0.51 2.38
C THR A 267 -13.88 0.42 3.53
N VAL A 268 -14.84 1.22 4.01
CA VAL A 268 -14.53 2.15 5.09
C VAL A 268 -14.18 1.39 6.36
N ALA A 269 -14.88 0.29 6.65
CA ALA A 269 -14.54 -0.53 7.81
C ALA A 269 -13.13 -1.10 7.70
N ALA A 270 -12.74 -1.52 6.50
CA ALA A 270 -11.39 -2.03 6.28
C ALA A 270 -10.36 -0.95 6.50
N LEU A 271 -10.60 0.25 5.96
CA LEU A 271 -9.67 1.36 6.17
C LEU A 271 -9.55 1.71 7.64
N ALA A 272 -10.65 1.63 8.40
CA ALA A 272 -10.57 1.95 9.81
C ALA A 272 -9.63 1.00 10.52
N LEU A 273 -9.69 -0.28 10.16
CA LEU A 273 -8.80 -1.26 10.78
C LEU A 273 -7.35 -1.01 10.36
N LEU A 274 -7.15 -0.76 9.06
CA LEU A 274 -5.81 -0.43 8.56
CA LEU A 274 -5.82 -0.40 8.55
C LEU A 274 -5.20 0.74 9.34
N PHE A 275 -5.96 1.82 9.51
CA PHE A 275 -5.43 3.00 10.18
C PHE A 275 -5.35 2.81 11.70
N ALA A 276 -6.19 1.94 12.26
CA ALA A 276 -6.06 1.64 13.69
C ALA A 276 -4.78 0.87 13.98
N ILE A 277 -4.40 -0.06 13.10
CA ILE A 277 -3.11 -0.72 13.24
C ILE A 277 -1.98 0.30 13.19
N HIS A 278 -2.06 1.24 12.25
CA HIS A 278 -1.07 2.32 12.15
C HIS A 278 -0.99 3.16 13.42
N SER A 279 -2.11 3.34 14.13
CA SER A 279 -2.06 4.12 15.37
C SER A 279 -1.19 3.46 16.43
N TYR A 280 -1.07 2.13 16.39
CA TYR A 280 -0.19 1.39 17.30
C TYR A 280 1.23 1.28 16.76
N LYS A 281 1.39 0.91 15.48
CA LYS A 281 2.70 0.73 14.88
C LYS A 281 2.72 1.53 13.59
N PRO A 282 3.11 2.80 13.65
CA PRO A 282 2.96 3.68 12.48
C PRO A 282 3.82 3.23 11.30
N ALA A 283 3.20 3.22 10.13
CA ALA A 283 3.97 3.04 8.92
C ALA A 283 4.27 4.40 8.30
N PRO A 284 5.39 4.56 7.62
CA PRO A 284 5.67 5.87 7.02
C PRO A 284 4.75 6.21 5.88
N PHE A 285 4.30 5.21 5.12
CA PHE A 285 3.41 5.48 3.99
C PHE A 285 2.49 4.29 3.79
N PHE A 286 1.37 4.56 3.12
CA PHE A 286 0.46 3.53 2.67
C PHE A 286 0.41 3.58 1.16
N VAL A 287 0.36 2.41 0.54
CA VAL A 287 0.16 2.31 -0.91
C VAL A 287 -1.18 1.64 -1.11
N LEU A 288 -2.13 2.37 -1.70
CA LEU A 288 -3.53 1.97 -1.76
C LEU A 288 -3.95 1.87 -3.22
N ASP A 289 -4.17 0.64 -3.69
CA ASP A 289 -4.40 0.37 -5.11
C ASP A 289 -5.91 0.22 -5.32
N GLN A 290 -6.53 1.27 -5.86
CA GLN A 290 -7.94 1.27 -6.26
C GLN A 290 -8.87 0.97 -5.09
N ILE A 291 -8.53 1.51 -3.91
CA ILE A 291 -9.39 1.30 -2.76
C ILE A 291 -10.70 2.08 -2.89
N ASP A 292 -10.77 3.02 -3.82
CA ASP A 292 -12.00 3.77 -4.03
C ASP A 292 -12.99 3.08 -4.97
N ALA A 293 -12.71 1.84 -5.39
CA ALA A 293 -13.53 1.19 -6.41
C ALA A 293 -15.01 1.13 -6.02
N ALA A 294 -15.30 0.77 -4.77
CA ALA A 294 -16.69 0.61 -4.34
C ALA A 294 -17.22 1.81 -3.56
N LEU A 295 -16.44 2.87 -3.42
CA LEU A 295 -16.87 4.03 -2.67
C LEU A 295 -17.72 4.95 -3.54
N ASP A 296 -18.82 5.43 -2.96
CA ASP A 296 -19.58 6.48 -3.60
C ASP A 296 -18.87 7.81 -3.38
N ASN A 297 -19.43 8.89 -3.91
CA ASN A 297 -18.72 10.15 -3.87
C ASN A 297 -18.63 10.72 -2.45
N THR A 298 -19.68 10.52 -1.65
CA THR A 298 -19.64 10.96 -0.25
C THR A 298 -18.49 10.29 0.49
N ASN A 299 -18.35 8.98 0.38
CA ASN A 299 -17.29 8.28 1.09
C ASN A 299 -15.92 8.59 0.50
N ILE A 300 -15.83 8.83 -0.81
CA ILE A 300 -14.55 9.25 -1.39
C ILE A 300 -14.08 10.54 -0.73
N GLY A 301 -15.00 11.48 -0.53
CA GLY A 301 -14.63 12.74 0.08
C GLY A 301 -14.18 12.55 1.52
N LYS A 302 -14.85 11.67 2.25
CA LYS A 302 -14.48 11.48 3.64
C LYS A 302 -13.14 10.76 3.76
N VAL A 303 -12.88 9.78 2.90
CA VAL A 303 -11.58 9.12 2.91
C VAL A 303 -10.48 10.11 2.52
N ALA A 304 -10.69 10.89 1.45
CA ALA A 304 -9.65 11.83 1.05
C ALA A 304 -9.39 12.87 2.14
N ASN A 305 -10.46 13.36 2.79
CA ASN A 305 -10.29 14.33 3.88
C ASN A 305 -9.50 13.74 5.03
N TYR A 306 -9.76 12.48 5.36
CA TYR A 306 -9.01 11.83 6.43
C TYR A 306 -7.53 11.79 6.08
N ILE A 307 -7.21 11.40 4.85
CA ILE A 307 -5.81 11.36 4.41
C ILE A 307 -5.17 12.73 4.49
N LYS A 308 -5.88 13.76 4.01
CA LYS A 308 -5.29 15.10 3.93
C LYS A 308 -5.15 15.76 5.28
N GLU A 309 -6.02 15.42 6.22
CA GLU A 309 -5.94 15.92 7.58
C GLU A 309 -5.14 14.99 8.48
N GLN A 310 -4.50 13.97 7.89
CA GLN A 310 -3.47 13.15 8.51
C GLN A 310 -2.09 13.35 7.89
N SER A 311 -2.01 13.61 6.58
CA SER A 311 -0.72 13.81 5.92
C SER A 311 -0.30 15.26 6.01
N ASN A 314 0.15 11.95 9.97
CA ASN A 314 1.19 11.06 10.46
C ASN A 314 1.60 10.01 9.43
N PHE A 315 1.00 10.01 8.24
CA PHE A 315 1.45 9.12 7.18
C PHE A 315 1.32 9.77 5.82
N GLN A 316 2.04 9.19 4.89
CA GLN A 316 1.98 9.57 3.48
C GLN A 316 1.08 8.58 2.76
N ALA A 317 0.33 9.06 1.77
CA ALA A 317 -0.57 8.20 1.01
C ALA A 317 -0.17 8.23 -0.45
N ILE A 318 0.05 7.06 -1.01
CA ILE A 318 0.28 6.87 -2.45
C ILE A 318 -0.88 6.01 -2.94
N VAL A 319 -1.73 6.55 -3.81
CA VAL A 319 -2.90 5.82 -4.22
C VAL A 319 -2.86 5.64 -5.72
N ILE A 320 -3.42 4.53 -6.18
CA ILE A 320 -3.71 4.30 -7.59
C ILE A 320 -5.22 4.42 -7.72
N SER A 321 -5.69 5.26 -8.64
CA SER A 321 -7.12 5.51 -8.72
C SER A 321 -7.57 5.69 -10.16
N LEU A 322 -8.75 5.14 -10.46
CA LEU A 322 -9.44 5.34 -11.71
C LEU A 322 -10.53 6.40 -11.63
N LYS A 323 -10.73 7.01 -10.46
CA LYS A 323 -11.88 7.88 -10.20
C LYS A 323 -11.41 9.31 -9.95
N GLU A 324 -11.76 10.22 -10.86
CA GLU A 324 -11.32 11.60 -10.71
C GLU A 324 -11.84 12.23 -9.42
N GLU A 325 -12.99 11.79 -8.92
CA GLU A 325 -13.48 12.31 -7.66
C GLU A 325 -12.49 12.08 -6.54
N PHE A 326 -11.73 10.98 -6.58
CA PHE A 326 -10.68 10.73 -5.60
C PHE A 326 -9.36 11.38 -5.99
N TYR A 327 -8.87 11.12 -7.21
CA TYR A 327 -7.52 11.59 -7.48
C TYR A 327 -7.42 13.10 -7.63
N THR A 328 -8.53 13.80 -7.93
CA THR A 328 -8.40 15.26 -7.94
C THR A 328 -8.29 15.85 -6.54
N LYS A 329 -8.36 15.04 -5.48
CA LYS A 329 -8.14 15.52 -4.12
C LYS A 329 -6.68 15.34 -3.67
N ALA A 330 -5.83 14.71 -4.49
CA ALA A 330 -4.41 14.57 -4.20
C ALA A 330 -3.65 15.88 -4.48
N GLU A 331 -2.44 15.96 -3.93
CA GLU A 331 -1.58 17.12 -4.17
C GLU A 331 -0.92 17.04 -5.53
N SER A 332 -0.51 15.85 -5.93
CA SER A 332 0.08 15.70 -7.24
CA SER A 332 0.18 15.63 -7.19
C SER A 332 -0.36 14.39 -7.87
N LEU A 333 -0.23 14.36 -9.19
CA LEU A 333 -0.56 13.19 -9.99
C LEU A 333 0.69 12.67 -10.66
N ILE A 334 0.83 11.36 -10.65
CA ILE A 334 1.80 10.65 -11.49
C ILE A 334 0.96 9.97 -12.56
N GLY A 335 1.08 10.42 -13.81
CA GLY A 335 0.33 9.82 -14.90
C GLY A 335 1.19 8.82 -15.66
N VAL A 336 0.62 7.65 -15.88
CA VAL A 336 1.31 6.58 -16.60
C VAL A 336 0.74 6.50 -18.00
N TYR A 337 1.62 6.37 -18.99
CA TYR A 337 1.16 6.20 -20.36
C TYR A 337 1.99 5.13 -21.05
N PRO A 338 1.43 4.47 -22.06
CA PRO A 338 2.20 3.46 -22.81
C PRO A 338 2.91 4.04 -24.02
N GLU A 339 4.05 3.45 -24.32
CA GLU A 339 4.76 3.68 -25.58
C GLU A 339 4.68 2.42 -26.42
N GLN A 340 4.61 2.61 -27.73
CA GLN A 340 4.52 1.47 -28.64
C GLN A 340 5.89 0.81 -28.75
N GLY A 341 5.88 -0.53 -28.79
CA GLY A 341 7.12 -1.27 -28.94
C GLY A 341 6.82 -2.75 -29.03
N ASP A 342 7.89 -3.53 -29.07
CA ASP A 342 7.76 -4.98 -29.11
C ASP A 342 6.87 -5.49 -28.00
N CYS A 343 7.04 -4.96 -26.79
CA CYS A 343 6.14 -5.19 -25.67
C CYS A 343 5.74 -3.84 -25.08
N VAL A 344 4.81 -3.90 -24.12
CA VAL A 344 4.33 -2.69 -23.48
C VAL A 344 5.48 -1.98 -22.80
N ILE A 345 5.65 -0.71 -23.14
CA ILE A 345 6.58 0.18 -22.44
C ILE A 345 5.75 1.22 -21.69
N SER A 346 6.06 1.41 -20.41
CA SER A 346 5.39 2.40 -19.57
C SER A 346 6.34 3.54 -19.25
N LYS A 347 5.81 4.76 -19.28
CA LYS A 347 6.55 5.95 -18.87
C LYS A 347 5.61 6.81 -18.04
N VAL A 348 6.17 7.78 -17.30
CA VAL A 348 5.34 8.59 -16.42
C VAL A 348 5.57 10.07 -16.60
N LEU A 349 4.55 10.83 -16.24
CA LEU A 349 4.56 12.28 -16.15
C LEU A 349 4.14 12.68 -14.74
N THR A 350 4.54 13.88 -14.34
CA THR A 350 4.16 14.41 -13.03
C THR A 350 3.42 15.74 -13.18
N PHE A 351 2.42 15.95 -12.34
CA PHE A 351 1.55 17.12 -12.44
C PHE A 351 1.14 17.59 -11.06
N ASP A 352 1.35 18.88 -10.79
CA ASP A 352 1.08 19.47 -9.49
C ASP A 352 -0.32 20.06 -9.49
N LEU A 353 -1.23 19.50 -8.68
CA LEU A 353 -2.57 20.05 -8.63
C LEU A 353 -2.72 21.23 -7.68
N THR A 354 -1.76 21.45 -6.78
CA THR A 354 -1.95 22.48 -5.76
C THR A 354 -1.89 23.88 -6.34
N LYS A 355 -1.43 24.02 -7.58
CA LYS A 355 -1.37 25.30 -8.30
C LYS A 355 -2.74 25.82 -8.69
N TYR A 356 -3.79 25.02 -8.61
CA TYR A 356 -5.09 25.39 -9.11
C TYR A 356 -6.09 25.44 -7.97
N PRO A 357 -7.03 26.39 -7.99
CA PRO A 357 -8.02 26.45 -6.91
C PRO A 357 -8.96 25.25 -7.02
N ASP A 358 -9.24 24.62 -5.87
CA ASP A 358 -10.25 23.57 -5.85
C ASP A 358 -11.62 24.17 -5.53
N ALA A 359 -12.09 25.01 -6.44
CA ALA A 359 -13.26 25.84 -6.19
C ALA A 359 -13.79 26.38 -7.52
N ASN A 360 -14.80 27.23 -7.44
CA ASN A 360 -15.36 27.95 -8.58
C ASN A 360 -15.73 29.38 -8.17
N GLY B 19 -3.17 25.38 -36.89
CA GLY B 19 -2.76 24.97 -35.55
C GLY B 19 -1.30 25.23 -35.25
N ALA B 20 -0.90 24.93 -34.02
CA ALA B 20 0.44 25.24 -33.55
C ALA B 20 1.36 24.03 -33.67
N GLU B 21 2.66 24.28 -33.52
CA GLU B 21 3.65 23.22 -33.53
C GLU B 21 3.68 22.45 -32.22
N SER B 22 3.30 23.08 -31.12
CA SER B 22 3.31 22.41 -29.83
C SER B 22 2.25 23.04 -28.96
N ILE B 23 1.80 22.26 -27.98
CA ILE B 23 0.81 22.68 -27.00
C ILE B 23 1.43 22.51 -25.61
N SER B 24 1.37 23.57 -24.80
CA SER B 24 1.85 23.52 -23.42
C SER B 24 0.70 23.16 -22.48
N LEU B 25 0.87 22.08 -21.71
CA LEU B 25 -0.21 21.72 -20.78
C LEU B 25 -0.41 22.81 -19.74
N LEU B 26 0.69 23.40 -19.25
CA LEU B 26 0.53 24.44 -18.22
C LEU B 26 -0.19 25.66 -18.78
N GLU B 27 0.06 25.99 -20.05
CA GLU B 27 -0.69 27.06 -20.67
C GLU B 27 -2.17 26.72 -20.79
N LEU B 28 -2.49 25.49 -21.21
CA LEU B 28 -3.89 25.06 -21.30
C LEU B 28 -4.61 25.15 -19.96
N CYS B 29 -3.88 24.96 -18.87
CA CYS B 29 -4.48 24.89 -17.54
C CYS B 29 -4.47 26.24 -16.84
N ARG B 30 -3.95 27.29 -17.46
CA ARG B 30 -4.06 28.62 -16.87
C ARG B 30 -5.53 28.98 -16.67
N ASN B 31 -5.85 29.48 -15.49
CA ASN B 31 -7.21 29.90 -15.15
C ASN B 31 -8.21 28.75 -15.22
N THR B 32 -7.76 27.53 -14.94
CA THR B 32 -8.67 26.40 -14.74
C THR B 32 -8.68 26.02 -13.26
N ASN B 33 -9.71 25.30 -12.85
CA ASN B 33 -9.71 24.81 -11.49
C ASN B 33 -9.07 23.42 -11.46
N ARG B 34 -8.95 22.87 -10.26
CA ARG B 34 -8.19 21.64 -10.06
C ARG B 34 -8.78 20.48 -10.85
N LYS B 35 -10.11 20.33 -10.85
CA LYS B 35 -10.72 19.23 -11.58
C LYS B 35 -10.51 19.38 -13.08
N GLN B 36 -10.64 20.61 -13.59
CA GLN B 36 -10.43 20.85 -15.01
C GLN B 36 -8.99 20.58 -15.40
N ALA B 37 -8.03 21.02 -14.57
CA ALA B 37 -6.62 20.81 -14.88
C ALA B 37 -6.30 19.32 -14.90
N ALA B 38 -6.78 18.58 -13.89
CA ALA B 38 -6.54 17.15 -13.85
C ALA B 38 -7.10 16.46 -15.09
N ALA B 39 -8.27 16.92 -15.57
CA ALA B 39 -8.86 16.31 -16.76
C ALA B 39 -8.03 16.57 -18.01
N LYS B 40 -7.44 17.76 -18.11
CA LYS B 40 -6.56 18.03 -19.25
C LYS B 40 -5.30 17.16 -19.18
N PHE B 41 -4.74 17.00 -17.97
CA PHE B 41 -3.59 16.11 -17.81
C PHE B 41 -3.94 14.69 -18.21
N TYR B 42 -5.09 14.19 -17.75
CA TYR B 42 -5.48 12.84 -18.10
C TYR B 42 -5.70 12.69 -19.60
N SER B 43 -6.26 13.73 -20.24
CA SER B 43 -6.49 13.67 -21.69
C SER B 43 -5.17 13.55 -22.46
N PHE B 44 -4.10 14.19 -21.96
CA PHE B 44 -2.79 14.01 -22.59
C PHE B 44 -2.33 12.56 -22.53
N LEU B 45 -2.63 11.87 -21.41
CA LEU B 45 -2.24 10.48 -21.31
C LEU B 45 -3.00 9.63 -22.32
N VAL B 46 -4.29 9.91 -22.48
CA VAL B 46 -5.13 9.16 -23.41
C VAL B 46 -4.69 9.43 -24.84
N LEU B 47 -4.45 10.71 -25.18
CA LEU B 47 -4.00 11.04 -26.53
C LEU B 47 -2.67 10.37 -26.85
N LYS B 48 -1.77 10.31 -25.87
CA LYS B 48 -0.49 9.63 -26.06
C LYS B 48 -0.69 8.14 -26.30
N LYS B 49 -1.56 7.51 -25.50
CA LYS B 49 -1.87 6.09 -25.74
C LYS B 49 -2.41 5.89 -27.16
N GLN B 50 -3.23 6.82 -27.63
CA GLN B 50 -3.79 6.73 -28.99
C GLN B 50 -2.79 7.15 -30.06
N GLN B 51 -1.57 7.54 -29.68
CA GLN B 51 -0.54 8.04 -30.59
C GLN B 51 -0.99 9.26 -31.36
N ALA B 52 -1.95 10.02 -30.82
CA ALA B 52 -2.34 11.28 -31.43
C ALA B 52 -1.33 12.39 -31.14
N ILE B 53 -0.53 12.25 -30.09
CA ILE B 53 0.49 13.22 -29.73
C ILE B 53 1.76 12.49 -29.31
N GLU B 54 2.87 13.22 -29.37
CA GLU B 54 4.07 12.91 -28.61
C GLU B 54 4.10 13.85 -27.41
N LEU B 55 4.77 13.39 -26.34
CA LEU B 55 4.86 14.12 -25.07
C LEU B 55 6.32 14.27 -24.68
N THR B 56 6.68 15.46 -24.17
CA THR B 56 7.97 15.61 -23.49
C THR B 56 7.76 16.35 -22.17
N GLN B 57 8.51 15.93 -21.17
CA GLN B 57 8.58 16.63 -19.89
C GLN B 57 10.06 16.70 -19.47
N GLU B 58 10.60 17.91 -19.37
CA GLU B 58 12.04 18.08 -19.19
C GLU B 58 12.50 17.53 -17.84
N GLU B 59 11.80 17.87 -16.78
CA GLU B 59 12.10 17.46 -15.41
C GLU B 59 10.78 17.07 -14.77
N PRO B 60 10.79 16.23 -13.74
CA PRO B 60 9.57 16.06 -12.94
C PRO B 60 8.99 17.41 -12.56
N TYR B 61 7.68 17.54 -12.73
CA TYR B 61 6.87 18.72 -12.44
C TYR B 61 7.17 19.91 -13.34
N SER B 62 7.92 19.73 -14.41
CA SER B 62 8.05 20.79 -15.39
C SER B 62 6.83 20.80 -16.31
N ASP B 63 6.78 21.77 -17.20
CA ASP B 63 5.72 21.79 -18.20
C ASP B 63 5.76 20.50 -19.02
N ILE B 64 4.60 20.13 -19.55
CA ILE B 64 4.44 18.96 -20.41
C ILE B 64 4.01 19.47 -21.77
N ILE B 65 4.78 19.14 -22.80
CA ILE B 65 4.61 19.72 -24.13
C ILE B 65 4.15 18.63 -25.08
N ALA B 66 3.04 18.86 -25.77
CA ALA B 66 2.55 17.92 -26.77
C ALA B 66 2.89 18.41 -28.17
N THR B 67 3.28 17.50 -29.04
CA THR B 67 3.44 17.75 -30.47
C THR B 67 2.65 16.69 -31.21
N PRO B 68 2.42 16.87 -32.52
CA PRO B 68 1.59 15.89 -33.23
C PRO B 68 2.22 14.50 -33.22
N GLY B 69 1.37 13.49 -33.01
CA GLY B 69 1.80 12.11 -32.98
C GLY B 69 1.71 11.47 -34.34
N PRO B 70 2.11 10.20 -34.45
CA PRO B 70 2.15 9.52 -35.76
C PRO B 70 0.80 9.00 -36.23
N ARG B 71 -0.27 9.09 -35.45
CA ARG B 71 -1.61 8.77 -35.93
C ARG B 71 -2.45 10.03 -35.97
N PHE B 72 -3.25 10.15 -37.03
CA PHE B 72 -4.23 11.21 -37.11
C PHE B 72 -5.25 11.07 -35.99
N HIS B 73 -5.88 12.19 -35.62
CA HIS B 73 -6.90 12.22 -34.59
C HIS B 73 -7.83 13.38 -34.87
N GLY B 74 -9.10 13.20 -34.54
CA GLY B 74 -10.07 14.27 -34.74
C GLY B 74 -10.07 15.28 -33.60
N SER B 75 -10.42 16.52 -33.93
CA SER B 75 -10.53 17.61 -32.97
C SER B 75 -9.27 17.79 -32.13
S SO4 C . -2.82 -0.87 -16.01
O1 SO4 C . -2.70 -1.42 -14.63
O2 SO4 C . -1.82 -1.54 -16.93
O3 SO4 C . -4.24 -1.08 -16.49
O4 SO4 C . -2.63 0.63 -16.03
#